data_2WHL
#
_entry.id   2WHL
#
_cell.length_a   58.255
_cell.length_b   63.690
_cell.length_c   83.577
_cell.angle_alpha   90.00
_cell.angle_beta   90.00
_cell.angle_gamma   90.00
#
_symmetry.space_group_name_H-M   'P 21 21 21'
#
loop_
_entity.id
_entity.type
_entity.pdbx_description
1 polymer BETA-MANNANASE
2 branched beta-D-mannopyranose-(1-4)-beta-D-mannopyranose-(1-4)-alpha-D-mannopyranose
3 non-polymer 'ACETATE ION'
4 water water
#
_entity_poly.entity_id   1
_entity_poly.type   'polypeptide(L)'
_entity_poly.pdbx_seq_one_letter_code
;GFSVDGNTLYDANGQPFVMRGINHGHAWYKDTASTAIPAIAEQGANTIRIVLSDGGQWEKDDIDTIREVIELAEQNKMVA
VVEVHDATGRDSRSDLNRAVDYWIEMKDALIGKEDTVIINIANEWYGSWDGSAWADGYIDVIPKLRDAGLTHTLMVDAAG
WGQYPQSIHDYGQDVFNADPLKNTMFSIHMYEYAGGDANTVRSNIDRVIDQDLALVIGEFGHRHTDVDEDTILSYSEETG
TGWLAWSWKGNSTSWDYLDLSEDWAGQHLTDWGNRIVHGADGLQETSKPSTVFT
;
_entity_poly.pdbx_strand_id   A
#
# COMPACT_ATOMS: atom_id res chain seq x y z
N GLY A 1 1.82 15.81 9.30
CA GLY A 1 1.59 14.36 9.34
C GLY A 1 2.78 13.47 9.13
N PHE A 2 2.57 12.38 8.40
CA PHE A 2 3.69 11.57 7.92
C PHE A 2 4.65 12.37 7.05
N SER A 3 5.93 12.01 7.12
N SER A 3 5.93 12.01 7.14
CA SER A 3 6.95 12.58 6.26
CA SER A 3 7.00 12.57 6.34
C SER A 3 8.01 11.55 5.91
C SER A 3 7.92 11.47 5.84
N VAL A 4 8.67 11.79 4.79
CA VAL A 4 9.66 10.89 4.24
C VAL A 4 10.98 11.62 4.19
N ASP A 5 12.06 10.98 4.67
CA ASP A 5 13.40 11.53 4.50
C ASP A 5 14.30 10.37 4.14
N GLY A 6 14.85 10.42 2.92
CA GLY A 6 15.56 9.28 2.39
C GLY A 6 14.74 8.03 2.38
N ASN A 7 15.27 6.93 2.84
CA ASN A 7 14.52 5.67 2.75
C ASN A 7 13.66 5.40 4.02
N THR A 8 13.38 6.42 4.84
CA THR A 8 12.57 6.24 6.05
C THR A 8 11.27 7.04 5.95
N LEU A 9 10.21 6.38 6.38
CA LEU A 9 8.90 7.04 6.62
C LEU A 9 8.82 7.37 8.12
N TYR A 10 8.44 8.60 8.46
CA TYR A 10 8.34 9.06 9.86
C TYR A 10 6.90 9.46 10.21
N ASP A 11 6.42 9.05 11.36
CA ASP A 11 5.12 9.44 11.82
C ASP A 11 5.14 10.91 12.29
N ALA A 12 4.00 11.42 12.72
CA ALA A 12 3.88 12.84 13.09
C ALA A 12 4.70 13.22 14.33
N ASN A 13 5.10 12.22 15.12
CA ASN A 13 6.02 12.40 16.27
C ASN A 13 7.49 12.26 15.90
N GLY A 14 7.74 12.14 14.60
CA GLY A 14 9.06 11.96 14.05
C GLY A 14 9.63 10.59 14.21
N GLN A 15 8.82 9.61 14.62
CA GLN A 15 9.35 8.27 14.87
C GLN A 15 9.24 7.41 13.61
N PRO A 16 10.34 6.74 13.22
CA PRO A 16 10.26 5.87 12.04
C PRO A 16 9.08 4.93 12.14
N PHE A 17 8.41 4.73 11.05
CA PHE A 17 7.24 3.87 10.99
C PHE A 17 7.45 2.82 9.90
N VAL A 18 7.36 1.53 10.32
CA VAL A 18 7.60 0.42 9.43
C VAL A 18 6.29 -0.36 9.30
N MET A 19 5.64 -0.22 8.15
CA MET A 19 4.32 -0.80 7.89
C MET A 19 4.39 -2.32 8.02
N ARG A 20 3.42 -2.88 8.77
CA ARG A 20 3.24 -4.32 8.93
C ARG A 20 1.73 -4.52 8.95
N GLY A 21 1.18 -4.98 7.83
CA GLY A 21 -0.28 -4.93 7.74
C GLY A 21 -0.86 -5.80 6.65
N ILE A 22 -2.08 -5.46 6.25
CA ILE A 22 -3.03 -6.31 5.49
C ILE A 22 -3.84 -5.45 4.56
N ASN A 23 -3.97 -5.95 3.32
CA ASN A 23 -4.95 -5.43 2.38
C ASN A 23 -6.34 -5.97 2.61
N HIS A 24 -7.32 -5.06 2.47
CA HIS A 24 -8.71 -5.41 2.60
C HIS A 24 -9.49 -4.86 1.39
N GLY A 25 -10.14 -5.80 0.69
CA GLY A 25 -10.91 -5.48 -0.50
C GLY A 25 -12.28 -4.78 -0.33
N HIS A 26 -12.23 -3.68 0.44
CA HIS A 26 -13.38 -2.92 0.83
C HIS A 26 -14.31 -2.66 -0.35
N ALA A 27 -13.74 -2.18 -1.46
CA ALA A 27 -14.57 -1.74 -2.60
C ALA A 27 -15.56 -2.78 -3.04
N TRP A 28 -15.20 -4.05 -2.89
CA TRP A 28 -16.09 -5.15 -3.41
C TRP A 28 -16.99 -5.77 -2.35
N TYR A 29 -16.76 -5.37 -1.08
CA TYR A 29 -17.46 -5.93 0.07
C TYR A 29 -17.68 -4.78 1.09
N LYS A 30 -18.35 -3.74 0.62
CA LYS A 30 -18.41 -2.49 1.37
C LYS A 30 -19.04 -2.65 2.76
N ASP A 31 -20.00 -3.60 2.86
CA ASP A 31 -20.72 -3.80 4.11
C ASP A 31 -20.02 -4.61 5.18
N THR A 32 -18.79 -5.04 4.90
CA THR A 32 -17.98 -5.82 5.84
C THR A 32 -17.12 -4.90 6.72
N ALA A 33 -17.11 -3.60 6.44
CA ALA A 33 -16.14 -2.67 7.05
C ALA A 33 -15.99 -2.76 8.58
N SER A 34 -17.14 -2.80 9.27
CA SER A 34 -17.23 -2.75 10.71
C SER A 34 -16.84 -4.07 11.37
N THR A 35 -16.77 -5.13 10.55
CA THR A 35 -16.27 -6.42 10.98
C THR A 35 -14.83 -6.61 10.55
N ALA A 36 -14.56 -6.37 9.28
CA ALA A 36 -13.23 -6.65 8.70
C ALA A 36 -12.10 -5.75 9.25
N ILE A 37 -12.39 -4.46 9.36
CA ILE A 37 -11.34 -3.50 9.75
C ILE A 37 -10.93 -3.73 11.19
N PRO A 38 -11.89 -3.82 12.13
CA PRO A 38 -11.47 -4.17 13.48
C PRO A 38 -10.81 -5.55 13.59
N ALA A 39 -11.27 -6.53 12.82
CA ALA A 39 -10.67 -7.88 12.84
C ALA A 39 -9.19 -7.84 12.40
N ILE A 40 -8.87 -7.04 11.40
CA ILE A 40 -7.50 -6.84 10.92
C ILE A 40 -6.59 -6.24 12.06
N ALA A 41 -7.15 -5.22 12.75
CA ALA A 41 -6.44 -4.63 13.89
C ALA A 41 -6.18 -5.69 15.00
N GLU A 42 -7.13 -6.59 15.22
CA GLU A 42 -6.98 -7.63 16.22
C GLU A 42 -5.81 -8.58 15.91
N GLN A 43 -5.39 -8.65 14.65
CA GLN A 43 -4.21 -9.46 14.30
C GLN A 43 -2.90 -8.79 14.53
N GLY A 44 -2.92 -7.53 14.93
CA GLY A 44 -1.72 -6.76 15.25
C GLY A 44 -1.21 -5.92 14.10
N ALA A 45 -2.00 -5.81 13.03
CA ALA A 45 -1.61 -4.97 11.88
C ALA A 45 -1.50 -3.51 12.36
N ASN A 46 -0.44 -2.82 11.97
CA ASN A 46 -0.32 -1.41 12.29
C ASN A 46 -0.86 -0.53 11.13
N THR A 47 -1.22 -1.16 9.98
CA THR A 47 -1.61 -0.47 8.75
C THR A 47 -2.56 -1.38 8.05
N ILE A 48 -3.62 -0.76 7.52
CA ILE A 48 -4.56 -1.45 6.61
C ILE A 48 -4.51 -0.72 5.27
N ARG A 49 -4.39 -1.50 4.19
CA ARG A 49 -4.51 -0.92 2.86
C ARG A 49 -5.92 -1.22 2.38
N ILE A 50 -6.63 -0.13 2.13
CA ILE A 50 -8.07 -0.17 1.87
C ILE A 50 -8.34 0.05 0.37
N VAL A 51 -8.87 -0.98 -0.29
CA VAL A 51 -9.20 -0.92 -1.70
C VAL A 51 -10.44 -0.05 -1.94
N LEU A 52 -10.28 1.07 -2.63
CA LEU A 52 -11.42 1.90 -3.04
C LEU A 52 -11.57 1.85 -4.54
N SER A 53 -12.80 2.13 -4.97
CA SER A 53 -13.19 2.35 -6.37
C SER A 53 -13.56 3.80 -6.68
N ASP A 54 -13.01 4.31 -7.78
CA ASP A 54 -13.41 5.59 -8.33
C ASP A 54 -14.57 5.47 -9.35
N GLY A 55 -15.21 4.31 -9.42
CA GLY A 55 -16.28 4.04 -10.36
C GLY A 55 -15.85 3.58 -11.74
N GLY A 56 -14.57 3.55 -12.06
CA GLY A 56 -14.10 3.14 -13.37
C GLY A 56 -14.48 1.73 -13.74
N GLN A 57 -14.23 0.80 -12.82
CA GLN A 57 -14.56 -0.59 -12.99
C GLN A 57 -15.62 -1.15 -12.02
N TRP A 58 -15.70 -0.61 -10.78
CA TRP A 58 -16.57 -1.15 -9.71
C TRP A 58 -17.46 0.00 -9.19
N GLU A 59 -18.21 -0.29 -8.12
CA GLU A 59 -19.10 0.70 -7.50
C GLU A 59 -18.29 1.77 -6.74
N LYS A 60 -18.44 3.04 -7.18
CA LYS A 60 -17.74 4.17 -6.60
C LYS A 60 -17.89 4.22 -5.08
N ASP A 61 -16.78 4.44 -4.37
CA ASP A 61 -16.84 4.68 -2.96
C ASP A 61 -17.02 6.18 -2.75
N ASP A 62 -18.16 6.55 -2.20
CA ASP A 62 -18.46 7.94 -1.98
C ASP A 62 -17.78 8.53 -0.72
N ILE A 63 -17.94 9.84 -0.55
CA ILE A 63 -17.18 10.58 0.47
C ILE A 63 -17.49 10.12 1.90
N ASP A 64 -18.74 9.72 2.15
CA ASP A 64 -19.15 9.23 3.45
C ASP A 64 -18.53 7.86 3.76
N THR A 65 -18.37 7.04 2.75
CA THR A 65 -17.80 5.72 2.88
C THR A 65 -16.31 5.84 3.17
N ILE A 66 -15.66 6.74 2.44
CA ILE A 66 -14.22 7.04 2.74
C ILE A 66 -14.07 7.46 4.22
N ARG A 67 -14.89 8.42 4.65
CA ARG A 67 -14.80 8.90 6.05
CA ARG A 67 -14.85 8.90 6.06
C ARG A 67 -14.98 7.76 7.04
N GLU A 68 -15.91 6.87 6.76
CA GLU A 68 -16.28 5.73 7.59
C GLU A 68 -15.09 4.78 7.75
N VAL A 69 -14.46 4.41 6.63
CA VAL A 69 -13.38 3.39 6.67
C VAL A 69 -12.10 3.92 7.31
N ILE A 70 -11.77 5.16 6.98
N ILE A 70 -11.75 5.16 7.04
CA ILE A 70 -10.66 5.85 7.62
CA ILE A 70 -10.57 5.69 7.66
C ILE A 70 -10.89 5.79 9.13
C ILE A 70 -10.81 5.98 9.13
N GLU A 71 -12.04 6.17 9.60
CA GLU A 71 -12.30 6.37 11.02
C GLU A 71 -12.24 5.04 11.72
N LEU A 72 -12.76 3.98 11.10
CA LEU A 72 -12.61 2.64 11.63
C LEU A 72 -11.15 2.19 11.80
N ALA A 73 -10.35 2.54 10.78
CA ALA A 73 -8.92 2.27 10.89
C ALA A 73 -8.32 3.06 12.05
N GLU A 74 -8.40 4.39 12.09
CA GLU A 74 -7.61 5.15 13.09
C GLU A 74 -8.17 4.87 14.48
N GLN A 75 -9.45 4.56 14.61
CA GLN A 75 -10.02 4.25 15.95
C GLN A 75 -9.76 2.79 16.39
N ASN A 76 -9.15 2.00 15.49
CA ASN A 76 -8.49 0.74 15.89
C ASN A 76 -6.96 0.79 15.82
N LYS A 77 -6.42 2.02 15.86
CA LYS A 77 -4.97 2.23 16.02
C LYS A 77 -4.19 1.69 14.83
N MET A 78 -4.78 1.84 13.65
CA MET A 78 -4.12 1.56 12.38
C MET A 78 -4.03 2.80 11.51
N VAL A 79 -2.91 2.91 10.81
CA VAL A 79 -2.80 3.81 9.65
C VAL A 79 -3.54 3.19 8.50
N ALA A 80 -4.20 4.05 7.73
CA ALA A 80 -5.10 3.74 6.51
C ALA A 80 -4.24 4.13 5.30
N VAL A 81 -3.83 3.16 4.46
CA VAL A 81 -3.23 3.43 3.17
C VAL A 81 -4.49 3.31 2.26
N VAL A 82 -5.02 4.42 1.74
CA VAL A 82 -6.17 4.38 0.83
C VAL A 82 -5.64 4.26 -0.57
N GLU A 83 -6.33 3.49 -1.41
CA GLU A 83 -5.85 3.33 -2.82
C GLU A 83 -7.04 3.18 -3.74
N VAL A 84 -6.92 3.76 -4.96
CA VAL A 84 -7.91 3.57 -6.00
C VAL A 84 -7.43 2.41 -6.93
N HIS A 85 -8.32 1.42 -7.15
CA HIS A 85 -7.95 0.13 -7.78
C HIS A 85 -8.34 0.01 -9.27
N ASP A 86 -9.08 1.00 -9.76
CA ASP A 86 -9.75 0.91 -11.10
C ASP A 86 -8.83 1.10 -12.32
N ALA A 87 -7.57 1.49 -12.06
CA ALA A 87 -6.56 1.68 -13.07
C ALA A 87 -5.56 0.51 -13.13
N THR A 88 -5.87 -0.56 -12.40
CA THR A 88 -4.94 -1.71 -12.26
C THR A 88 -4.50 -2.24 -13.62
N GLY A 89 -3.21 -2.22 -13.87
CA GLY A 89 -2.63 -2.78 -15.05
C GLY A 89 -2.80 -1.95 -16.31
N ARG A 90 -3.56 -0.85 -16.24
CA ARG A 90 -3.78 -0.02 -17.44
C ARG A 90 -2.63 0.93 -17.76
N ASP A 91 -2.24 1.05 -19.02
CA ASP A 91 -1.21 1.98 -19.43
C ASP A 91 -1.75 3.40 -19.70
N SER A 92 -3.03 3.50 -20.02
CA SER A 92 -3.61 4.75 -20.41
C SER A 92 -3.56 5.80 -19.32
N ARG A 93 -3.11 7.00 -19.72
CA ARG A 93 -3.09 8.13 -18.81
C ARG A 93 -4.47 8.48 -18.29
N SER A 94 -5.52 8.21 -19.07
CA SER A 94 -6.89 8.59 -18.65
C SER A 94 -7.29 7.89 -17.35
N ASP A 95 -6.86 6.65 -17.19
CA ASP A 95 -7.13 5.90 -15.93
C ASP A 95 -6.43 6.47 -14.68
N LEU A 96 -5.21 6.91 -14.87
CA LEU A 96 -4.46 7.59 -13.78
C LEU A 96 -5.14 8.93 -13.49
N ASN A 97 -5.51 9.67 -14.56
CA ASN A 97 -6.21 10.94 -14.39
C ASN A 97 -7.50 10.82 -13.61
N ARG A 98 -8.28 9.76 -13.90
CA ARG A 98 -9.49 9.50 -13.19
C ARG A 98 -9.28 9.26 -11.69
N ALA A 99 -8.23 8.53 -11.34
CA ALA A 99 -7.91 8.31 -9.94
C ALA A 99 -7.52 9.64 -9.24
N VAL A 100 -6.70 10.43 -9.92
CA VAL A 100 -6.25 11.75 -9.40
C VAL A 100 -7.48 12.67 -9.16
N ASP A 101 -8.39 12.74 -10.14
CA ASP A 101 -9.63 13.51 -9.94
C ASP A 101 -10.45 13.06 -8.74
N TYR A 102 -10.53 11.74 -8.55
CA TYR A 102 -11.18 11.18 -7.38
C TYR A 102 -10.57 11.67 -6.06
N TRP A 103 -9.24 11.61 -5.97
CA TRP A 103 -8.66 12.12 -4.72
C TRP A 103 -9.06 13.59 -4.48
N ILE A 104 -8.98 14.38 -5.55
CA ILE A 104 -9.33 15.83 -5.46
C ILE A 104 -10.79 16.02 -5.11
N GLU A 105 -11.68 15.30 -5.77
CA GLU A 105 -13.08 15.32 -5.40
C GLU A 105 -13.32 14.97 -3.94
N MET A 106 -12.52 14.05 -3.38
CA MET A 106 -12.79 13.53 -2.04
C MET A 106 -11.89 14.16 -0.97
N LYS A 107 -11.23 15.26 -1.32
CA LYS A 107 -10.23 15.87 -0.45
C LYS A 107 -10.73 16.26 0.92
N ASP A 108 -12.01 16.63 1.06
CA ASP A 108 -12.49 17.03 2.36
C ASP A 108 -12.58 15.90 3.36
N ALA A 109 -12.57 14.66 2.87
CA ALA A 109 -12.47 13.48 3.74
C ALA A 109 -10.99 13.20 4.19
N LEU A 110 -10.02 13.75 3.46
CA LEU A 110 -8.62 13.41 3.67
C LEU A 110 -7.88 14.52 4.36
N ILE A 111 -8.17 15.76 4.00
CA ILE A 111 -7.48 16.91 4.59
C ILE A 111 -7.73 16.92 6.09
N GLY A 112 -6.66 17.12 6.86
CA GLY A 112 -6.68 17.01 8.32
C GLY A 112 -6.34 15.63 8.90
N LYS A 113 -6.20 14.62 8.04
CA LYS A 113 -5.98 13.25 8.49
C LYS A 113 -4.55 12.79 8.11
N GLU A 114 -3.65 13.74 7.92
CA GLU A 114 -2.35 13.46 7.35
C GLU A 114 -1.48 12.69 8.34
N ASP A 115 -1.89 12.65 9.61
CA ASP A 115 -1.12 11.89 10.58
CA ASP A 115 -1.17 11.89 10.67
C ASP A 115 -1.58 10.42 10.68
N THR A 116 -2.68 10.08 10.00
CA THR A 116 -3.20 8.72 10.05
C THR A 116 -3.52 8.09 8.70
N VAL A 117 -3.37 8.84 7.62
CA VAL A 117 -3.75 8.35 6.31
C VAL A 117 -2.67 8.67 5.30
N ILE A 118 -2.35 7.66 4.49
CA ILE A 118 -1.36 7.80 3.40
C ILE A 118 -2.10 7.46 2.10
N ILE A 119 -1.83 8.26 1.07
CA ILE A 119 -2.61 8.10 -0.17
C ILE A 119 -1.78 7.39 -1.26
N ASN A 120 -2.18 6.14 -1.55
CA ASN A 120 -1.61 5.33 -2.62
C ASN A 120 -2.37 5.66 -3.92
N ILE A 121 -1.69 6.47 -4.75
CA ILE A 121 -2.38 7.22 -5.79
C ILE A 121 -3.25 6.28 -6.67
N ALA A 122 -2.69 5.19 -7.20
CA ALA A 122 -3.47 4.21 -7.96
C ALA A 122 -2.76 2.83 -7.85
N ASN A 123 -3.52 1.81 -7.51
CA ASN A 123 -3.05 0.43 -7.58
C ASN A 123 -2.49 0.09 -8.99
N GLU A 124 -1.22 -0.25 -9.10
CA GLU A 124 -0.69 -0.95 -10.27
C GLU A 124 -1.00 -0.19 -11.56
N TRP A 125 -0.97 1.15 -11.52
CA TRP A 125 -1.12 1.91 -12.78
C TRP A 125 0.15 1.70 -13.66
N TYR A 126 -0.06 1.55 -14.96
CA TYR A 126 0.99 1.27 -15.93
C TYR A 126 1.52 -0.18 -15.89
N GLY A 127 0.84 -1.08 -16.58
CA GLY A 127 1.15 -2.48 -16.58
C GLY A 127 2.38 -2.87 -17.39
N SER A 128 2.72 -2.07 -18.40
CA SER A 128 3.86 -2.39 -19.19
C SER A 128 5.15 -2.03 -18.48
N TRP A 129 6.22 -2.75 -18.83
CA TRP A 129 7.53 -2.51 -18.23
C TRP A 129 8.28 -1.34 -18.89
N ASP A 130 7.92 -0.13 -18.51
CA ASP A 130 8.43 1.09 -19.15
C ASP A 130 8.55 2.15 -18.06
N GLY A 131 9.77 2.30 -17.54
CA GLY A 131 10.02 3.24 -16.44
C GLY A 131 9.76 4.68 -16.82
N SER A 132 10.10 5.06 -18.08
CA SER A 132 9.93 6.45 -18.50
C SER A 132 8.47 6.85 -18.59
N ALA A 133 7.68 6.02 -19.24
CA ALA A 133 6.24 6.31 -19.38
C ALA A 133 5.54 6.36 -17.99
N TRP A 134 5.94 5.39 -17.14
CA TRP A 134 5.43 5.35 -15.76
C TRP A 134 5.75 6.64 -15.03
N ALA A 135 7.03 7.04 -15.10
CA ALA A 135 7.47 8.26 -14.43
C ALA A 135 6.71 9.51 -14.93
N ASP A 136 6.59 9.62 -16.25
CA ASP A 136 5.95 10.79 -16.82
C ASP A 136 4.54 10.98 -16.29
N GLY A 137 3.84 9.89 -16.03
CA GLY A 137 2.54 9.98 -15.45
C GLY A 137 2.55 10.61 -14.07
N TYR A 138 3.40 10.11 -13.20
CA TYR A 138 3.45 10.64 -11.83
C TYR A 138 4.04 12.05 -11.74
N ILE A 139 5.00 12.34 -12.59
CA ILE A 139 5.59 13.69 -12.68
C ILE A 139 4.49 14.70 -13.02
N ASP A 140 3.56 14.28 -13.87
CA ASP A 140 2.49 15.18 -14.25
C ASP A 140 1.41 15.36 -13.15
N VAL A 141 1.02 14.26 -12.49
CA VAL A 141 -0.10 14.31 -11.61
C VAL A 141 0.20 14.67 -10.16
N ILE A 142 1.40 14.38 -9.68
CA ILE A 142 1.67 14.68 -8.26
C ILE A 142 1.53 16.19 -7.96
N PRO A 143 2.03 17.07 -8.86
CA PRO A 143 1.80 18.48 -8.57
C PRO A 143 0.32 18.88 -8.54
N LYS A 144 -0.56 18.18 -9.24
CA LYS A 144 -1.96 18.50 -9.19
C LYS A 144 -2.64 18.13 -7.88
N LEU A 145 -2.19 17.02 -7.29
CA LEU A 145 -2.66 16.61 -5.97
C LEU A 145 -2.20 17.64 -4.90
N ARG A 146 -0.93 18.07 -4.99
CA ARG A 146 -0.41 19.10 -4.10
C ARG A 146 -1.14 20.42 -4.26
N ASP A 147 -1.48 20.77 -5.51
CA ASP A 147 -2.18 22.04 -5.78
C ASP A 147 -3.56 22.05 -5.16
N ALA A 148 -4.16 20.87 -5.01
CA ALA A 148 -5.48 20.69 -4.41
C ALA A 148 -5.47 20.79 -2.89
N GLY A 149 -4.29 20.90 -2.29
CA GLY A 149 -4.19 21.03 -0.82
C GLY A 149 -3.96 19.73 -0.08
N LEU A 150 -3.68 18.66 -0.82
CA LEU A 150 -3.35 17.34 -0.18
C LEU A 150 -1.90 17.32 0.23
N THR A 151 -1.63 17.24 1.53
CA THR A 151 -0.24 17.27 2.02
C THR A 151 0.29 15.90 2.61
N HIS A 152 -0.53 14.88 2.44
CA HIS A 152 -0.26 13.52 2.89
C HIS A 152 0.97 12.98 2.22
N THR A 153 1.65 12.06 2.91
CA THR A 153 2.61 11.22 2.21
C THR A 153 1.83 10.48 1.09
N LEU A 154 2.41 10.53 -0.11
CA LEU A 154 1.89 9.82 -1.29
C LEU A 154 2.68 8.56 -1.53
N MET A 155 2.00 7.51 -1.94
CA MET A 155 2.56 6.20 -2.23
C MET A 155 2.28 5.87 -3.74
N VAL A 156 3.35 5.53 -4.45
CA VAL A 156 3.39 5.30 -5.87
C VAL A 156 3.78 3.87 -6.15
N ASP A 157 2.92 3.07 -6.76
CA ASP A 157 3.24 1.70 -7.13
C ASP A 157 4.18 1.65 -8.31
N ALA A 158 5.22 0.81 -8.23
CA ALA A 158 5.97 0.48 -9.38
C ALA A 158 5.15 0.14 -10.64
N ALA A 159 5.78 0.37 -11.82
CA ALA A 159 5.25 -0.09 -13.09
C ALA A 159 5.16 -1.63 -13.09
N GLY A 160 4.59 -2.19 -14.16
CA GLY A 160 4.54 -3.64 -14.28
C GLY A 160 3.63 -4.36 -13.32
N TRP A 161 2.50 -3.73 -13.01
CA TRP A 161 1.56 -4.26 -12.02
C TRP A 161 2.26 -4.42 -10.65
N GLY A 162 3.13 -3.43 -10.41
CA GLY A 162 3.99 -3.44 -9.20
C GLY A 162 5.18 -4.33 -9.25
N GLN A 163 5.30 -5.15 -10.31
CA GLN A 163 6.35 -6.13 -10.40
C GLN A 163 7.54 -5.79 -11.28
N TYR A 164 7.66 -4.51 -11.66
CA TYR A 164 8.83 -4.00 -12.41
C TYR A 164 9.46 -2.89 -11.59
N PRO A 165 10.15 -3.27 -10.48
CA PRO A 165 10.67 -2.24 -9.59
C PRO A 165 11.90 -1.49 -10.18
N GLN A 166 12.42 -2.00 -11.30
CA GLN A 166 13.40 -1.27 -12.06
C GLN A 166 12.89 0.12 -12.36
N SER A 167 11.56 0.27 -12.59
CA SER A 167 11.09 1.60 -12.78
C SER A 167 11.42 2.59 -11.68
N ILE A 168 11.28 2.13 -10.42
CA ILE A 168 11.59 2.97 -9.28
C ILE A 168 13.11 3.20 -9.19
N HIS A 169 13.90 2.16 -9.42
CA HIS A 169 15.38 2.31 -9.40
C HIS A 169 15.82 3.39 -10.40
N ASP A 170 15.28 3.33 -11.61
CA ASP A 170 15.72 4.18 -12.71
C ASP A 170 15.14 5.58 -12.68
N TYR A 171 13.85 5.69 -12.29
CA TYR A 171 13.15 6.94 -12.34
C TYR A 171 12.49 7.42 -11.06
N GLY A 172 12.62 6.67 -9.95
CA GLY A 172 11.92 7.04 -8.74
C GLY A 172 12.36 8.42 -8.19
N GLN A 173 13.65 8.72 -8.25
N GLN A 173 13.65 8.70 -8.28
CA GLN A 173 14.08 10.07 -7.81
CA GLN A 173 14.14 10.00 -7.84
C GLN A 173 13.42 11.16 -8.65
C GLN A 173 13.54 11.16 -8.67
N ASP A 174 13.29 10.95 -9.97
CA ASP A 174 12.62 11.94 -10.80
C ASP A 174 11.17 12.16 -10.37
N VAL A 175 10.52 11.05 -10.01
CA VAL A 175 9.17 11.15 -9.53
C VAL A 175 9.13 11.93 -8.18
N PHE A 176 9.99 11.53 -7.26
CA PHE A 176 10.09 12.17 -5.94
C PHE A 176 10.35 13.71 -6.09
N ASN A 177 11.25 14.05 -6.99
CA ASN A 177 11.58 15.47 -7.26
C ASN A 177 10.48 16.31 -7.81
N ALA A 178 9.54 15.68 -8.52
CA ALA A 178 8.33 16.33 -9.02
C ALA A 178 7.35 16.69 -7.91
N ASP A 179 7.52 16.07 -6.73
CA ASP A 179 6.63 16.38 -5.62
C ASP A 179 7.17 17.66 -4.90
N PRO A 180 6.45 18.80 -5.01
CA PRO A 180 6.96 20.00 -4.32
C PRO A 180 7.07 19.88 -2.81
N LEU A 181 6.32 18.96 -2.20
CA LEU A 181 6.45 18.68 -0.75
C LEU A 181 7.49 17.61 -0.35
N LYS A 182 8.11 16.98 -1.34
CA LYS A 182 9.16 15.99 -1.12
C LYS A 182 8.70 14.93 -0.09
N ASN A 183 7.53 14.37 -0.37
CA ASN A 183 6.88 13.50 0.59
C ASN A 183 6.15 12.38 -0.12
N THR A 184 6.95 11.65 -0.89
CA THR A 184 6.52 10.55 -1.67
C THR A 184 7.28 9.28 -1.45
N MET A 185 6.62 8.15 -1.25
CA MET A 185 7.28 6.84 -1.05
C MET A 185 6.81 5.89 -2.17
N PHE A 186 7.42 4.73 -2.27
CA PHE A 186 7.16 3.80 -3.35
C PHE A 186 6.75 2.43 -2.86
N SER A 187 6.06 1.70 -3.74
CA SER A 187 5.60 0.38 -3.41
C SER A 187 5.92 -0.64 -4.53
N ILE A 188 6.35 -1.83 -4.11
CA ILE A 188 6.49 -3.00 -4.98
C ILE A 188 5.47 -4.07 -4.60
N HIS A 189 4.80 -4.66 -5.59
CA HIS A 189 4.03 -5.83 -5.31
C HIS A 189 4.74 -7.09 -5.70
N MET A 190 5.03 -7.93 -4.68
CA MET A 190 5.81 -9.10 -4.94
C MET A 190 5.05 -10.41 -5.06
N TYR A 191 4.92 -10.83 -6.30
CA TYR A 191 4.43 -12.14 -6.57
C TYR A 191 5.51 -12.92 -7.34
N GLU A 192 5.09 -13.72 -8.37
CA GLU A 192 6.03 -14.66 -8.98
C GLU A 192 7.16 -13.99 -9.73
N TYR A 193 6.96 -12.76 -10.21
CA TYR A 193 8.06 -12.05 -10.86
C TYR A 193 8.97 -11.39 -9.78
N ALA A 194 8.41 -10.41 -9.08
CA ALA A 194 9.22 -9.54 -8.21
C ALA A 194 9.61 -10.18 -6.86
N GLY A 195 8.95 -11.27 -6.51
CA GLY A 195 9.20 -12.02 -5.27
C GLY A 195 9.47 -13.51 -5.47
N GLY A 196 9.92 -13.89 -6.69
CA GLY A 196 9.99 -15.29 -7.07
C GLY A 196 11.03 -16.14 -6.33
N ASP A 197 12.05 -15.53 -5.77
CA ASP A 197 13.10 -16.24 -5.00
C ASP A 197 13.83 -15.27 -4.09
N ALA A 198 14.66 -15.80 -3.18
CA ALA A 198 15.28 -14.96 -2.18
C ALA A 198 16.17 -13.86 -2.76
N ASN A 199 17.03 -14.22 -3.72
N ASN A 199 17.03 -14.20 -3.73
CA ASN A 199 17.87 -13.24 -4.42
CA ASN A 199 17.90 -13.21 -4.39
C ASN A 199 17.05 -12.11 -5.01
C ASN A 199 17.11 -12.10 -5.08
N THR A 200 15.98 -12.46 -5.70
CA THR A 200 15.14 -11.48 -6.35
C THR A 200 14.47 -10.55 -5.33
N VAL A 201 13.94 -11.11 -4.26
CA VAL A 201 13.35 -10.28 -3.18
C VAL A 201 14.36 -9.23 -2.66
N ARG A 202 15.56 -9.72 -2.31
CA ARG A 202 16.55 -8.83 -1.75
CA ARG A 202 16.55 -8.85 -1.75
C ARG A 202 17.01 -7.82 -2.76
N SER A 203 17.25 -8.24 -4.00
CA SER A 203 17.74 -7.27 -5.01
C SER A 203 16.70 -6.20 -5.34
N ASN A 204 15.43 -6.59 -5.36
CA ASN A 204 14.35 -5.62 -5.63
C ASN A 204 14.17 -4.60 -4.53
N ILE A 205 14.35 -5.06 -3.27
CA ILE A 205 14.33 -4.13 -2.11
C ILE A 205 15.52 -3.16 -2.21
N ASP A 206 16.67 -3.78 -2.41
CA ASP A 206 18.00 -3.04 -2.47
C ASP A 206 17.96 -1.97 -3.55
N ARG A 207 17.36 -2.30 -4.67
CA ARG A 207 17.35 -1.38 -5.82
C ARG A 207 16.47 -0.15 -5.64
N VAL A 208 15.65 -0.16 -4.59
CA VAL A 208 14.95 1.05 -4.21
C VAL A 208 15.63 1.76 -3.04
N ILE A 209 15.88 1.01 -1.99
CA ILE A 209 16.36 1.66 -0.79
C ILE A 209 17.75 2.21 -0.99
N ASP A 210 18.51 1.62 -1.91
CA ASP A 210 19.82 2.14 -2.21
C ASP A 210 19.81 3.41 -3.11
N GLN A 211 18.62 3.83 -3.58
CA GLN A 211 18.40 5.15 -4.15
C GLN A 211 17.95 6.17 -3.09
N ASP A 212 18.02 5.81 -1.80
CA ASP A 212 17.48 6.67 -0.73
C ASP A 212 16.03 7.10 -0.98
N LEU A 213 15.25 6.08 -1.34
CA LEU A 213 13.78 6.25 -1.54
C LEU A 213 13.12 5.29 -0.52
N ALA A 214 11.97 5.70 -0.01
CA ALA A 214 11.24 4.91 0.97
C ALA A 214 10.36 3.87 0.23
N LEU A 215 10.16 2.73 0.88
CA LEU A 215 9.63 1.49 0.26
C LEU A 215 8.70 0.69 1.17
N VAL A 216 7.56 0.32 0.62
CA VAL A 216 6.73 -0.72 1.17
C VAL A 216 6.52 -1.81 0.09
N ILE A 217 6.37 -3.04 0.56
CA ILE A 217 5.96 -4.14 -0.32
C ILE A 217 4.43 -4.09 -0.09
N GLY A 218 3.74 -3.33 -0.95
CA GLY A 218 2.32 -2.97 -0.70
C GLY A 218 1.32 -4.07 -0.94
N GLU A 219 1.79 -5.09 -1.66
CA GLU A 219 1.17 -6.39 -1.77
C GLU A 219 2.20 -7.45 -1.93
N PHE A 220 1.89 -8.63 -1.39
CA PHE A 220 2.68 -9.81 -1.72
C PHE A 220 1.85 -11.07 -1.39
N GLY A 221 2.27 -12.20 -1.97
CA GLY A 221 1.64 -13.46 -1.79
C GLY A 221 2.57 -14.56 -1.35
N HIS A 222 2.21 -15.78 -1.72
CA HIS A 222 2.96 -16.99 -1.34
C HIS A 222 2.87 -18.00 -2.50
N ARG A 223 3.62 -19.07 -2.38
CA ARG A 223 3.66 -20.06 -3.45
C ARG A 223 2.32 -20.67 -3.80
N HIS A 224 1.99 -20.68 -5.07
CA HIS A 224 0.82 -21.35 -5.50
C HIS A 224 1.03 -22.54 -6.45
N THR A 225 1.29 -22.38 -7.61
CA THR A 225 1.01 -23.20 -8.75
C THR A 225 1.77 -22.76 -10.00
N ASP A 226 8.04 -20.13 -6.94
CA ASP A 226 6.82 -19.47 -6.68
C ASP A 226 6.87 -18.05 -6.09
N VAL A 227 6.56 -17.82 -4.78
CA VAL A 227 6.70 -16.50 -4.14
C VAL A 227 7.32 -16.67 -2.73
N ASP A 228 8.43 -16.01 -2.49
CA ASP A 228 9.25 -16.31 -1.27
C ASP A 228 8.83 -15.36 -0.11
N GLU A 229 7.69 -15.64 0.50
CA GLU A 229 7.20 -14.80 1.59
C GLU A 229 8.18 -14.83 2.81
N ASP A 230 8.88 -15.93 3.00
CA ASP A 230 9.80 -15.97 4.15
C ASP A 230 10.92 -14.91 4.05
N THR A 231 11.48 -14.75 2.86
CA THR A 231 12.49 -13.72 2.62
C THR A 231 11.89 -12.32 2.59
N ILE A 232 10.70 -12.19 2.07
CA ILE A 232 10.08 -10.87 2.14
C ILE A 232 9.96 -10.43 3.59
N LEU A 233 9.44 -11.30 4.45
CA LEU A 233 9.37 -10.97 5.88
C LEU A 233 10.67 -10.78 6.56
N SER A 234 11.59 -11.66 6.29
CA SER A 234 12.85 -11.58 7.03
C SER A 234 13.70 -10.39 6.58
N TYR A 235 13.86 -10.23 5.27
CA TYR A 235 14.66 -9.12 4.78
C TYR A 235 14.00 -7.76 5.02
N SER A 236 12.67 -7.70 4.94
CA SER A 236 11.96 -6.47 5.38
C SER A 236 12.27 -6.07 6.82
N GLU A 237 12.37 -7.08 7.68
CA GLU A 237 12.63 -6.82 9.08
C GLU A 237 14.05 -6.32 9.25
N GLU A 238 14.93 -6.91 8.45
CA GLU A 238 16.37 -6.56 8.50
C GLU A 238 16.60 -5.11 8.04
N THR A 239 15.82 -4.66 7.05
CA THR A 239 16.07 -3.41 6.38
C THR A 239 15.10 -2.29 6.80
N GLY A 240 14.07 -2.59 7.59
CA GLY A 240 13.08 -1.63 7.98
C GLY A 240 12.08 -1.26 6.86
N THR A 241 11.88 -2.21 5.91
CA THR A 241 11.01 -2.04 4.76
C THR A 241 9.63 -2.44 5.21
N GLY A 242 8.62 -1.69 4.78
CA GLY A 242 7.23 -1.97 5.16
C GLY A 242 6.66 -3.10 4.30
N TRP A 243 5.63 -3.78 4.80
CA TRP A 243 4.93 -4.73 3.95
C TRP A 243 3.46 -4.82 4.35
N LEU A 244 2.68 -5.25 3.37
CA LEU A 244 1.21 -5.34 3.44
C LEU A 244 0.75 -6.59 2.67
N ALA A 245 0.33 -7.63 3.41
CA ALA A 245 -0.03 -8.91 2.76
C ALA A 245 -1.33 -8.80 1.99
N TRP A 246 -1.42 -9.56 0.88
CA TRP A 246 -2.68 -9.60 0.12
C TRP A 246 -3.33 -10.98 0.30
N SER A 247 -4.61 -11.08 0.73
CA SER A 247 -5.49 -10.01 1.29
C SER A 247 -6.37 -10.69 2.35
N TRP A 248 -7.14 -9.90 3.10
CA TRP A 248 -7.88 -10.43 4.21
C TRP A 248 -8.88 -11.55 3.82
N LYS A 249 -9.79 -11.27 2.91
CA LYS A 249 -10.83 -12.22 2.48
C LYS A 249 -11.49 -11.69 1.22
N GLY A 250 -11.97 -12.64 0.44
CA GLY A 250 -12.89 -12.30 -0.63
C GLY A 250 -12.29 -12.39 -2.03
N ASN A 251 -11.08 -12.93 -2.16
CA ASN A 251 -10.53 -13.11 -3.51
C ASN A 251 -11.45 -14.01 -4.34
N SER A 252 -11.56 -13.73 -5.62
CA SER A 252 -12.28 -14.65 -6.51
C SER A 252 -11.68 -16.07 -6.48
N THR A 253 -12.43 -17.08 -6.94
CA THR A 253 -11.97 -18.46 -6.82
C THR A 253 -10.52 -18.70 -7.25
N SER A 254 -10.13 -18.13 -8.37
CA SER A 254 -8.81 -18.30 -8.96
C SER A 254 -7.69 -17.81 -8.03
N TRP A 255 -8.02 -16.81 -7.23
CA TRP A 255 -7.03 -16.22 -6.31
C TRP A 255 -7.35 -16.49 -4.85
N ASP A 256 -8.22 -17.45 -4.53
CA ASP A 256 -8.64 -17.59 -3.15
C ASP A 256 -7.59 -18.23 -2.24
N TYR A 257 -6.51 -18.73 -2.83
CA TYR A 257 -5.35 -19.14 -2.01
C TYR A 257 -4.73 -17.95 -1.28
N LEU A 258 -5.09 -16.74 -1.72
CA LEU A 258 -4.61 -15.53 -1.12
C LEU A 258 -5.41 -15.02 0.05
N ASP A 259 -6.55 -15.63 0.37
CA ASP A 259 -7.33 -15.15 1.52
C ASP A 259 -6.56 -15.48 2.81
N LEU A 260 -6.43 -14.47 3.68
CA LEU A 260 -5.70 -14.69 4.95
C LEU A 260 -6.66 -15.27 6.03
N SER A 261 -7.97 -14.98 5.85
CA SER A 261 -8.96 -15.40 6.84
C SER A 261 -10.12 -16.14 6.20
N GLU A 262 -10.58 -17.20 6.88
CA GLU A 262 -11.77 -17.92 6.43
C GLU A 262 -13.03 -17.08 6.61
N ASP A 263 -13.07 -16.32 7.70
CA ASP A 263 -14.22 -15.53 8.08
C ASP A 263 -13.84 -14.05 8.12
N TRP A 264 -14.80 -13.20 7.96
CA TRP A 264 -14.59 -11.76 8.01
C TRP A 264 -14.08 -11.29 9.37
N ALA A 265 -14.54 -11.97 10.44
CA ALA A 265 -14.13 -11.64 11.83
C ALA A 265 -12.78 -12.11 12.25
N GLY A 266 -12.07 -12.89 11.43
CA GLY A 266 -10.70 -13.34 11.77
C GLY A 266 -10.61 -14.33 12.91
N GLN A 267 -11.69 -15.05 13.21
CA GLN A 267 -11.64 -16.14 14.20
C GLN A 267 -11.01 -17.39 13.66
N HIS A 268 -10.98 -17.51 12.32
CA HIS A 268 -10.47 -18.71 11.66
C HIS A 268 -9.53 -18.37 10.53
N LEU A 269 -8.26 -18.18 10.83
CA LEU A 269 -7.31 -17.82 9.79
C LEU A 269 -6.96 -19.03 8.92
N THR A 270 -6.61 -18.75 7.66
CA THR A 270 -6.10 -19.77 6.78
C THR A 270 -4.66 -20.03 7.13
N ASP A 271 -4.05 -21.06 6.51
CA ASP A 271 -2.63 -21.30 6.73
C ASP A 271 -1.81 -20.02 6.40
N TRP A 272 -2.16 -19.38 5.29
CA TRP A 272 -1.54 -18.13 4.83
C TRP A 272 -1.70 -17.01 5.87
N GLY A 273 -2.93 -16.82 6.35
CA GLY A 273 -3.19 -15.87 7.42
C GLY A 273 -2.33 -16.19 8.68
N ASN A 274 -2.33 -17.44 9.09
CA ASN A 274 -1.50 -17.81 10.26
C ASN A 274 -0.03 -17.53 10.06
N ARG A 275 0.48 -17.78 8.88
CA ARG A 275 1.88 -17.48 8.59
C ARG A 275 2.16 -15.99 8.82
N ILE A 276 1.28 -15.15 8.24
CA ILE A 276 1.46 -13.68 8.32
C ILE A 276 1.27 -13.11 9.72
N VAL A 277 0.28 -13.62 10.46
CA VAL A 277 0.03 -13.16 11.82
C VAL A 277 0.98 -13.71 12.86
N HIS A 278 1.11 -15.02 12.88
CA HIS A 278 1.74 -15.74 13.94
C HIS A 278 3.08 -16.34 13.61
N GLY A 279 3.59 -16.25 12.39
CA GLY A 279 4.85 -16.85 12.06
C GLY A 279 6.04 -15.92 12.20
N ALA A 280 7.22 -16.47 11.93
CA ALA A 280 8.48 -15.72 11.99
C ALA A 280 8.42 -14.39 11.25
N ASP A 281 8.73 -13.30 11.96
CA ASP A 281 8.83 -11.94 11.40
C ASP A 281 7.46 -11.41 10.97
N GLY A 282 6.42 -12.03 11.50
CA GLY A 282 5.08 -11.68 11.16
C GLY A 282 4.52 -10.58 12.02
N LEU A 283 3.22 -10.36 11.98
CA LEU A 283 2.63 -9.20 12.68
C LEU A 283 2.81 -9.23 14.19
N GLN A 284 2.51 -10.36 14.80
CA GLN A 284 2.66 -10.47 16.25
C GLN A 284 4.12 -10.21 16.72
N GLU A 285 5.09 -10.66 15.94
CA GLU A 285 6.47 -10.48 16.28
C GLU A 285 7.01 -9.10 15.96
N THR A 286 6.55 -8.46 14.88
CA THR A 286 7.25 -7.26 14.41
C THR A 286 6.42 -5.98 14.27
N SER A 287 5.09 -6.06 14.33
CA SER A 287 4.27 -4.88 14.12
C SER A 287 4.16 -3.98 15.35
N LYS A 288 4.54 -2.73 15.19
CA LYS A 288 4.47 -1.75 16.26
C LYS A 288 3.52 -0.63 15.81
N PRO A 289 2.61 -0.22 16.71
CA PRO A 289 1.69 0.81 16.29
C PRO A 289 2.41 2.14 15.99
N SER A 290 1.83 2.95 15.11
CA SER A 290 2.35 4.31 14.97
C SER A 290 2.24 5.00 16.33
N THR A 291 3.26 5.80 16.64
CA THR A 291 3.28 6.45 17.93
C THR A 291 2.23 7.56 18.09
N VAL A 292 1.57 7.95 17.00
CA VAL A 292 0.40 8.85 17.08
C VAL A 292 -0.74 8.22 17.93
N PHE A 293 -0.76 6.89 18.02
CA PHE A 293 -1.82 6.18 18.75
C PHE A 293 -1.42 5.80 20.16
N THR A 294 -0.14 5.98 20.46
CA THR A 294 0.55 5.56 21.65
C THR A 294 1.58 4.46 21.65
#